data_6YHP
#
_entry.id   6YHP
#
_entity_poly.entity_id   1
_entity_poly.type   'polypeptide(L)'
_entity_poly.pdbx_seq_one_letter_code
;SNKGAIIGLMVGGVVIATMIVITLVMLKKK
;
_entity_poly.pdbx_strand_id   A
#
# COMPACT_ATOMS: atom_id res chain seq x y z
N SER A 1 -12.27 22.80 -5.54
CA SER A 1 -11.35 21.97 -4.73
C SER A 1 -11.44 20.50 -5.14
N ASN A 2 -12.60 19.90 -4.91
CA ASN A 2 -12.83 18.49 -5.25
C ASN A 2 -11.78 17.59 -4.60
N LYS A 3 -12.03 17.19 -3.37
CA LYS A 3 -11.12 16.32 -2.64
C LYS A 3 -11.16 14.89 -3.18
N GLY A 4 -12.15 14.61 -4.02
CA GLY A 4 -12.28 13.27 -4.58
C GLY A 4 -11.08 12.88 -5.42
N ALA A 5 -10.39 13.85 -5.98
CA ALA A 5 -9.22 13.60 -6.81
C ALA A 5 -8.07 13.05 -5.96
N ILE A 6 -8.04 13.43 -4.69
CA ILE A 6 -7.00 12.99 -3.77
C ILE A 6 -7.07 11.49 -3.55
N ILE A 7 -8.29 10.96 -3.47
CA ILE A 7 -8.51 9.54 -3.25
C ILE A 7 -7.89 8.72 -4.39
N GLY A 8 -7.89 9.29 -5.58
CA GLY A 8 -7.34 8.60 -6.74
C GLY A 8 -5.91 8.15 -6.53
N LEU A 9 -5.13 8.97 -5.83
CA LEU A 9 -3.73 8.65 -5.56
C LEU A 9 -3.60 7.71 -4.36
N MET A 10 -4.62 7.70 -3.51
CA MET A 10 -4.63 6.85 -2.32
C MET A 10 -4.78 5.38 -2.69
N VAL A 11 -5.38 5.12 -3.85
CA VAL A 11 -5.59 3.76 -4.32
C VAL A 11 -4.26 3.08 -4.66
N GLY A 12 -3.34 3.84 -5.24
CA GLY A 12 -2.05 3.29 -5.61
C GLY A 12 -1.08 3.22 -4.44
N GLY A 13 -1.17 4.20 -3.54
CA GLY A 13 -0.28 4.24 -2.39
C GLY A 13 -0.64 3.23 -1.32
N VAL A 14 -1.93 2.89 -1.22
CA VAL A 14 -2.39 1.94 -0.23
C VAL A 14 -1.91 0.53 -0.54
N VAL A 15 -1.79 0.21 -1.83
CA VAL A 15 -1.34 -1.11 -2.26
C VAL A 15 0.04 -1.42 -1.69
N ILE A 16 0.97 -0.49 -1.84
CA ILE A 16 2.32 -0.67 -1.35
C ILE A 16 2.39 -0.49 0.17
N ALA A 17 1.52 0.36 0.69
CA ALA A 17 1.46 0.63 2.12
C ALA A 17 0.93 -0.57 2.90
N THR A 18 0.20 -1.44 2.20
CA THR A 18 -0.37 -2.63 2.83
C THR A 18 0.72 -3.57 3.33
N MET A 19 1.86 -3.57 2.65
CA MET A 19 2.98 -4.43 3.02
C MET A 19 3.75 -3.85 4.21
N ILE A 20 3.79 -2.53 4.29
CA ILE A 20 4.51 -1.86 5.38
C ILE A 20 3.75 -1.97 6.70
N VAL A 21 2.43 -1.81 6.64
CA VAL A 21 1.60 -1.87 7.84
C VAL A 21 1.60 -3.26 8.45
N ILE A 22 1.76 -4.28 7.61
CA ILE A 22 1.76 -5.66 8.07
C ILE A 22 3.12 -6.04 8.67
N THR A 23 4.18 -5.44 8.15
CA THR A 23 5.53 -5.71 8.63
C THR A 23 5.65 -5.42 10.13
N LEU A 24 4.89 -4.44 10.60
CA LEU A 24 4.92 -4.06 12.01
C LEU A 24 4.13 -5.06 12.85
N VAL A 25 3.02 -5.55 12.31
CA VAL A 25 2.17 -6.50 13.02
C VAL A 25 2.93 -7.80 13.28
N MET A 26 3.71 -8.23 12.29
CA MET A 26 4.49 -9.47 12.42
C MET A 26 5.51 -9.36 13.54
N LEU A 27 5.97 -8.14 13.81
CA LEU A 27 6.95 -7.90 14.87
C LEU A 27 6.31 -7.99 16.25
N LYS A 28 5.03 -7.61 16.33
CA LYS A 28 4.31 -7.63 17.59
C LYS A 28 3.93 -9.06 17.96
N LYS A 29 3.75 -9.91 16.95
CA LYS A 29 3.38 -11.30 17.17
C LYS A 29 4.50 -12.05 17.91
N LYS A 30 5.71 -11.49 17.87
CA LYS A 30 6.86 -12.10 18.53
C LYS A 30 6.93 -11.67 19.99
N SER A 1 -10.60 4.34 -23.00
CA SER A 1 -9.65 5.18 -23.79
C SER A 1 -8.31 5.30 -23.07
N ASN A 2 -8.36 5.84 -21.85
CA ASN A 2 -7.15 6.02 -21.05
C ASN A 2 -7.50 6.26 -19.59
N LYS A 3 -8.69 5.83 -19.19
CA LYS A 3 -9.15 5.99 -17.82
C LYS A 3 -8.66 4.85 -16.93
N GLY A 4 -8.59 3.65 -17.51
CA GLY A 4 -8.14 2.49 -16.76
C GLY A 4 -6.65 2.54 -16.45
N ALA A 5 -5.97 3.53 -17.02
CA ALA A 5 -4.54 3.69 -16.79
C ALA A 5 -4.26 4.37 -15.46
N ILE A 6 -5.05 5.39 -15.14
CA ILE A 6 -4.90 6.13 -13.90
C ILE A 6 -5.28 5.25 -12.70
N ILE A 7 -6.31 4.44 -12.87
CA ILE A 7 -6.78 3.55 -11.82
C ILE A 7 -5.70 2.54 -11.44
N GLY A 8 -4.93 2.10 -12.44
CA GLY A 8 -3.88 1.14 -12.18
C GLY A 8 -2.82 1.66 -11.25
N LEU A 9 -2.74 2.99 -11.14
CA LEU A 9 -1.76 3.63 -10.26
C LEU A 9 -2.26 3.65 -8.82
N MET A 10 -3.57 3.70 -8.65
CA MET A 10 -4.18 3.73 -7.33
C MET A 10 -4.08 2.36 -6.66
N VAL A 11 -4.02 1.31 -7.49
CA VAL A 11 -3.92 -0.05 -6.99
C VAL A 11 -2.47 -0.42 -6.68
N GLY A 12 -1.55 0.07 -7.52
CA GLY A 12 -0.14 -0.23 -7.32
C GLY A 12 0.46 0.58 -6.19
N GLY A 13 -0.25 1.61 -5.76
CA GLY A 13 0.24 2.45 -4.67
C GLY A 13 -0.30 2.04 -3.33
N VAL A 14 -1.49 1.44 -3.32
CA VAL A 14 -2.11 1.00 -2.08
C VAL A 14 -1.56 -0.35 -1.63
N VAL A 15 -1.14 -1.15 -2.61
CA VAL A 15 -0.58 -2.48 -2.32
C VAL A 15 0.74 -2.35 -1.55
N ILE A 16 1.45 -1.26 -1.80
CA ILE A 16 2.72 -1.01 -1.13
C ILE A 16 2.52 -0.60 0.31
N ALA A 17 1.59 0.32 0.54
CA ALA A 17 1.30 0.81 1.89
C ALA A 17 0.76 -0.30 2.78
N THR A 18 0.11 -1.29 2.16
CA THR A 18 -0.46 -2.41 2.89
C THR A 18 0.62 -3.43 3.26
N MET A 19 1.70 -3.44 2.49
CA MET A 19 2.80 -4.36 2.74
C MET A 19 3.70 -3.87 3.87
N ILE A 20 3.65 -2.56 4.13
CA ILE A 20 4.46 -1.96 5.18
C ILE A 20 3.79 -2.07 6.55
N VAL A 21 2.47 -1.90 6.57
CA VAL A 21 1.71 -1.98 7.82
C VAL A 21 1.74 -3.40 8.40
N ILE A 22 1.92 -4.39 7.54
CA ILE A 22 1.96 -5.78 7.97
C ILE A 22 3.27 -6.13 8.67
N THR A 23 4.36 -5.48 8.24
CA THR A 23 5.67 -5.75 8.83
C THR A 23 5.70 -5.36 10.30
N LEU A 24 4.80 -4.47 10.70
CA LEU A 24 4.72 -4.01 12.08
C LEU A 24 4.04 -5.04 12.98
N VAL A 25 2.87 -5.52 12.55
CA VAL A 25 2.13 -6.51 13.33
C VAL A 25 2.91 -7.81 13.49
N MET A 26 3.81 -8.07 12.55
CA MET A 26 4.63 -9.29 12.59
C MET A 26 5.56 -9.27 13.79
N LEU A 27 6.15 -8.10 14.06
CA LEU A 27 7.07 -7.96 15.19
C LEU A 27 6.30 -7.78 16.50
N LYS A 28 5.09 -7.21 16.39
CA LYS A 28 4.25 -6.99 17.57
C LYS A 28 3.68 -8.31 18.09
N LYS A 29 3.57 -9.29 17.19
CA LYS A 29 3.03 -10.59 17.55
C LYS A 29 3.98 -11.32 18.51
N LYS A 30 5.28 -11.08 18.33
CA LYS A 30 6.29 -11.70 19.16
C LYS A 30 6.23 -11.17 20.59
N SER A 1 -6.43 17.64 -18.26
CA SER A 1 -7.19 17.81 -16.99
C SER A 1 -8.12 16.63 -16.74
N ASN A 2 -7.69 15.71 -15.89
CA ASN A 2 -8.49 14.53 -15.58
C ASN A 2 -8.50 14.27 -14.07
N LYS A 3 -9.69 14.37 -13.48
CA LYS A 3 -9.85 14.15 -12.04
C LYS A 3 -9.60 12.69 -11.68
N GLY A 4 -9.84 11.80 -12.65
CA GLY A 4 -9.64 10.39 -12.42
C GLY A 4 -8.18 10.00 -12.35
N ALA A 5 -7.32 10.82 -12.96
CA ALA A 5 -5.89 10.56 -12.97
C ALA A 5 -5.27 10.91 -11.62
N ILE A 6 -5.92 11.83 -10.90
CA ILE A 6 -5.44 12.26 -9.59
C ILE A 6 -5.81 11.25 -8.52
N ILE A 7 -7.11 10.98 -8.39
CA ILE A 7 -7.59 10.03 -7.40
C ILE A 7 -7.08 8.62 -7.69
N GLY A 8 -6.97 8.29 -8.98
CA GLY A 8 -6.49 6.99 -9.37
C GLY A 8 -5.05 6.75 -8.95
N LEU A 9 -4.32 7.83 -8.72
CA LEU A 9 -2.92 7.75 -8.32
C LEU A 9 -2.83 7.52 -6.81
N MET A 10 -3.81 8.03 -6.06
CA MET A 10 -3.83 7.87 -4.61
C MET A 10 -4.14 6.42 -4.23
N VAL A 11 -4.95 5.76 -5.05
CA VAL A 11 -5.33 4.37 -4.80
C VAL A 11 -4.12 3.45 -4.96
N GLY A 12 -3.17 3.86 -5.80
CA GLY A 12 -1.98 3.05 -6.02
C GLY A 12 -0.94 3.25 -4.93
N GLY A 13 -1.16 4.27 -4.09
CA GLY A 13 -0.23 4.54 -3.01
C GLY A 13 -0.52 3.72 -1.77
N VAL A 14 -1.78 3.39 -1.55
CA VAL A 14 -2.17 2.60 -0.39
C VAL A 14 -1.74 1.15 -0.55
N VAL A 15 -1.63 0.70 -1.79
CA VAL A 15 -1.22 -0.66 -2.08
C VAL A 15 0.17 -0.95 -1.51
N ILE A 16 1.07 0.01 -1.67
CA ILE A 16 2.44 -0.12 -1.18
C ILE A 16 2.46 -0.10 0.35
N ALA A 17 1.59 0.71 0.94
CA ALA A 17 1.52 0.84 2.39
C ALA A 17 0.89 -0.39 3.02
N THR A 18 0.13 -1.15 2.22
CA THR A 18 -0.53 -2.35 2.71
C THR A 18 0.49 -3.42 3.10
N MET A 19 1.65 -3.39 2.45
CA MET A 19 2.70 -4.37 2.72
C MET A 19 3.58 -3.91 3.88
N ILE A 20 3.57 -2.61 4.16
CA ILE A 20 4.38 -2.05 5.24
C ILE A 20 3.74 -2.29 6.60
N VAL A 21 2.42 -2.16 6.66
CA VAL A 21 1.69 -2.35 7.91
C VAL A 21 1.79 -3.80 8.39
N ILE A 22 2.02 -4.72 7.46
CA ILE A 22 2.12 -6.14 7.79
C ILE A 22 3.42 -6.44 8.54
N THR A 23 4.44 -5.62 8.31
CA THR A 23 5.74 -5.83 8.96
C THR A 23 5.72 -5.30 10.40
N LEU A 24 4.95 -4.25 10.64
CA LEU A 24 4.85 -3.66 11.97
C LEU A 24 3.97 -4.49 12.89
N VAL A 25 3.01 -5.21 12.30
CA VAL A 25 2.10 -6.04 13.08
C VAL A 25 2.74 -7.38 13.45
N MET A 26 3.55 -7.92 12.55
CA MET A 26 4.21 -9.20 12.79
C MET A 26 5.18 -9.11 13.96
N LEU A 27 5.76 -7.92 14.16
CA LEU A 27 6.70 -7.71 15.25
C LEU A 27 5.97 -7.66 16.60
N LYS A 28 4.69 -7.33 16.56
CA LYS A 28 3.88 -7.25 17.77
C LYS A 28 3.47 -8.63 18.26
N LYS A 29 3.43 -9.59 17.33
CA LYS A 29 3.05 -10.96 17.67
C LYS A 29 4.12 -11.63 18.52
N LYS A 30 5.35 -11.14 18.41
CA LYS A 30 6.46 -11.69 19.16
C LYS A 30 7.19 -10.60 19.93
N SER A 1 -12.66 18.54 -12.56
CA SER A 1 -13.40 17.36 -12.04
C SER A 1 -12.77 16.06 -12.54
N ASN A 2 -11.51 16.14 -12.96
CA ASN A 2 -10.79 14.98 -13.46
C ASN A 2 -10.07 14.26 -12.32
N LYS A 3 -10.81 13.93 -11.27
CA LYS A 3 -10.25 13.23 -10.11
C LYS A 3 -9.85 11.81 -10.48
N GLY A 4 -10.31 11.34 -11.63
CA GLY A 4 -10.00 10.00 -12.08
C GLY A 4 -8.51 9.80 -12.29
N ALA A 5 -7.79 10.89 -12.49
CA ALA A 5 -6.34 10.82 -12.70
C ALA A 5 -5.60 10.65 -11.39
N ILE A 6 -6.26 11.01 -10.29
CA ILE A 6 -5.67 10.90 -8.96
C ILE A 6 -5.96 9.53 -8.34
N ILE A 7 -7.18 9.04 -8.54
CA ILE A 7 -7.58 7.75 -8.01
C ILE A 7 -6.71 6.63 -8.55
N GLY A 8 -6.21 6.81 -9.77
CA GLY A 8 -5.36 5.81 -10.39
C GLY A 8 -3.96 5.79 -9.82
N LEU A 9 -3.49 6.95 -9.35
CA LEU A 9 -2.16 7.07 -8.79
C LEU A 9 -2.12 6.53 -7.35
N MET A 10 -3.28 6.50 -6.71
CA MET A 10 -3.39 6.01 -5.34
C MET A 10 -3.31 4.49 -5.30
N VAL A 11 -3.66 3.86 -6.42
CA VAL A 11 -3.63 2.40 -6.51
C VAL A 11 -2.21 1.87 -6.31
N GLY A 12 -1.24 2.60 -6.83
CA GLY A 12 0.15 2.18 -6.70
C GLY A 12 0.73 2.55 -5.35
N GLY A 13 -0.03 3.29 -4.55
CA GLY A 13 0.44 3.71 -3.24
C GLY A 13 -0.25 2.95 -2.11
N VAL A 14 -1.41 2.37 -2.41
CA VAL A 14 -2.17 1.63 -1.41
C VAL A 14 -1.60 0.21 -1.24
N VAL A 15 -1.19 -0.39 -2.35
CA VAL A 15 -0.62 -1.73 -2.33
C VAL A 15 0.68 -1.75 -1.54
N ILE A 16 1.44 -0.67 -1.63
CA ILE A 16 2.70 -0.56 -0.93
C ILE A 16 2.50 -0.51 0.59
N ALA A 17 1.63 0.39 1.02
CA ALA A 17 1.33 0.55 2.44
C ALA A 17 0.76 -0.73 3.04
N THR A 18 0.03 -1.47 2.21
CA THR A 18 -0.58 -2.72 2.67
C THR A 18 0.48 -3.76 3.03
N MET A 19 1.63 -3.65 2.37
CA MET A 19 2.74 -4.57 2.62
C MET A 19 3.59 -4.10 3.80
N ILE A 20 3.66 -2.79 3.99
CA ILE A 20 4.44 -2.22 5.07
C ILE A 20 3.81 -2.49 6.43
N VAL A 21 2.51 -2.21 6.53
CA VAL A 21 1.78 -2.41 7.78
C VAL A 21 1.95 -3.84 8.30
N ILE A 22 2.25 -4.77 7.40
CA ILE A 22 2.44 -6.17 7.79
C ILE A 22 3.66 -6.33 8.69
N THR A 23 4.78 -5.77 8.27
CA THR A 23 6.02 -5.85 9.04
C THR A 23 5.85 -5.24 10.43
N LEU A 24 4.88 -4.31 10.54
CA LEU A 24 4.63 -3.65 11.81
C LEU A 24 3.82 -4.53 12.76
N VAL A 25 2.70 -5.05 12.28
CA VAL A 25 1.85 -5.92 13.09
C VAL A 25 2.61 -7.16 13.56
N MET A 26 3.55 -7.63 12.74
CA MET A 26 4.35 -8.80 13.07
C MET A 26 5.13 -8.57 14.35
N LEU A 27 5.85 -7.44 14.41
CA LEU A 27 6.64 -7.09 15.56
C LEU A 27 5.76 -6.88 16.78
N LYS A 28 4.58 -6.30 16.57
CA LYS A 28 3.64 -6.04 17.66
C LYS A 28 3.23 -7.35 18.34
N LYS A 29 2.93 -8.36 17.54
CA LYS A 29 2.53 -9.66 18.06
C LYS A 29 3.69 -10.35 18.77
N LYS A 30 4.91 -9.90 18.48
CA LYS A 30 6.10 -10.48 19.09
C LYS A 30 6.70 -9.51 20.11
N SER A 1 -5.67 9.65 -20.07
CA SER A 1 -6.69 10.70 -20.30
C SER A 1 -8.02 10.33 -19.66
N ASN A 2 -7.99 9.28 -18.82
CA ASN A 2 -9.20 8.81 -18.15
C ASN A 2 -8.89 8.43 -16.70
N LYS A 3 -9.94 8.33 -15.88
CA LYS A 3 -9.77 7.97 -14.48
C LYS A 3 -9.48 6.48 -14.33
N GLY A 4 -10.09 5.68 -15.19
CA GLY A 4 -9.88 4.24 -15.14
C GLY A 4 -8.44 3.85 -15.45
N ALA A 5 -7.76 4.72 -16.19
CA ALA A 5 -6.36 4.47 -16.56
C ALA A 5 -5.43 4.72 -15.38
N ILE A 6 -5.89 5.52 -14.43
CA ILE A 6 -5.11 5.84 -13.24
C ILE A 6 -5.27 4.77 -12.16
N ILE A 7 -6.45 4.17 -12.11
CA ILE A 7 -6.74 3.12 -11.12
C ILE A 7 -5.69 2.02 -11.18
N GLY A 8 -5.16 1.77 -12.38
CA GLY A 8 -4.16 0.75 -12.54
C GLY A 8 -2.89 1.02 -11.74
N LEU A 9 -2.45 2.27 -11.75
CA LEU A 9 -1.26 2.66 -11.02
C LEU A 9 -1.55 2.78 -9.52
N MET A 10 -2.82 2.97 -9.18
CA MET A 10 -3.23 3.10 -7.79
C MET A 10 -3.02 1.78 -7.05
N VAL A 11 -3.01 0.69 -7.81
CA VAL A 11 -2.81 -0.64 -7.24
C VAL A 11 -1.42 -0.77 -6.64
N GLY A 12 -0.44 -0.15 -7.29
CA GLY A 12 0.93 -0.21 -6.80
C GLY A 12 1.15 0.70 -5.61
N GLY A 13 0.14 1.51 -5.30
CA GLY A 13 0.25 2.42 -4.16
C GLY A 13 -0.56 1.96 -2.97
N VAL A 14 -1.63 1.22 -3.23
CA VAL A 14 -2.48 0.71 -2.17
C VAL A 14 -1.90 -0.56 -1.55
N VAL A 15 -1.22 -1.36 -2.36
CA VAL A 15 -0.61 -2.60 -1.89
C VAL A 15 0.72 -2.31 -1.19
N ILE A 16 1.51 -1.41 -1.76
CA ILE A 16 2.79 -1.04 -1.18
C ILE A 16 2.62 -0.43 0.21
N ALA A 17 1.46 0.17 0.44
CA ALA A 17 1.17 0.79 1.73
C ALA A 17 0.68 -0.25 2.73
N THR A 18 0.21 -1.38 2.21
CA THR A 18 -0.28 -2.47 3.06
C THR A 18 0.84 -3.39 3.49
N MET A 19 1.83 -3.57 2.61
CA MET A 19 2.97 -4.44 2.90
C MET A 19 3.87 -3.82 3.96
N ILE A 20 3.75 -2.51 4.15
CA ILE A 20 4.56 -1.80 5.14
C ILE A 20 3.92 -1.86 6.53
N VAL A 21 2.59 -1.91 6.57
CA VAL A 21 1.87 -1.96 7.83
C VAL A 21 1.78 -3.38 8.39
N ILE A 22 1.79 -4.36 7.49
CA ILE A 22 1.72 -5.76 7.90
C ILE A 22 3.01 -6.20 8.57
N THR A 23 4.12 -5.58 8.18
CA THR A 23 5.42 -5.91 8.76
C THR A 23 5.49 -5.44 10.22
N LEU A 24 4.65 -4.49 10.57
CA LEU A 24 4.60 -3.96 11.92
C LEU A 24 3.99 -4.97 12.89
N VAL A 25 2.90 -5.60 12.48
CA VAL A 25 2.23 -6.58 13.32
C VAL A 25 3.01 -7.89 13.37
N MET A 26 3.81 -8.16 12.34
CA MET A 26 4.61 -9.37 12.27
C MET A 26 5.70 -9.37 13.34
N LEU A 27 6.22 -8.19 13.66
CA LEU A 27 7.27 -8.06 14.66
C LEU A 27 6.69 -8.15 16.07
N LYS A 28 5.45 -7.72 16.23
CA LYS A 28 4.79 -7.76 17.53
C LYS A 28 4.58 -9.20 17.98
N LYS A 29 4.49 -10.12 17.02
CA LYS A 29 4.30 -11.53 17.32
C LYS A 29 5.64 -12.26 17.37
N LYS A 30 6.53 -11.92 16.44
CA LYS A 30 7.85 -12.55 16.37
C LYS A 30 8.91 -11.63 16.94
N SER A 1 -0.23 25.75 0.17
CA SER A 1 -1.65 25.47 -0.19
C SER A 1 -1.74 24.24 -1.08
N ASN A 2 -0.61 23.57 -1.28
CA ASN A 2 -0.58 22.37 -2.11
C ASN A 2 -1.05 21.14 -1.31
N LYS A 3 -2.36 21.03 -1.16
CA LYS A 3 -2.95 19.92 -0.43
C LYS A 3 -3.21 18.72 -1.35
N GLY A 4 -3.58 19.02 -2.59
CA GLY A 4 -3.86 17.96 -3.55
C GLY A 4 -2.64 17.08 -3.83
N ALA A 5 -1.46 17.65 -3.68
CA ALA A 5 -0.22 16.92 -3.93
C ALA A 5 -0.02 15.80 -2.91
N ILE A 6 -0.75 15.89 -1.80
CA ILE A 6 -0.66 14.89 -0.74
C ILE A 6 -1.55 13.68 -1.04
N ILE A 7 -2.79 13.95 -1.42
CA ILE A 7 -3.74 12.90 -1.74
C ILE A 7 -3.25 12.06 -2.92
N GLY A 8 -2.60 12.71 -3.88
CA GLY A 8 -2.09 12.01 -5.04
C GLY A 8 -1.08 10.95 -4.69
N LEU A 9 -0.33 11.17 -3.62
CA LEU A 9 0.69 10.22 -3.17
C LEU A 9 0.06 9.08 -2.39
N MET A 10 -1.12 9.33 -1.83
CA MET A 10 -1.83 8.32 -1.04
C MET A 10 -2.45 7.25 -1.94
N VAL A 11 -2.71 7.61 -3.20
CA VAL A 11 -3.30 6.69 -4.16
C VAL A 11 -2.34 5.53 -4.46
N GLY A 12 -1.18 5.87 -5.03
CA GLY A 12 -0.21 4.85 -5.36
C GLY A 12 0.63 4.45 -4.16
N GLY A 13 0.46 5.18 -3.05
CA GLY A 13 1.22 4.88 -1.85
C GLY A 13 0.49 3.92 -0.93
N VAL A 14 -0.84 3.91 -1.00
CA VAL A 14 -1.63 3.03 -0.16
C VAL A 14 -1.40 1.56 -0.53
N VAL A 15 -1.08 1.32 -1.79
CA VAL A 15 -0.83 -0.03 -2.28
C VAL A 15 0.41 -0.63 -1.63
N ILE A 16 1.51 0.11 -1.68
CA ILE A 16 2.77 -0.34 -1.09
C ILE A 16 2.70 -0.31 0.43
N ALA A 17 1.93 0.64 0.96
CA ALA A 17 1.78 0.78 2.41
C ALA A 17 1.03 -0.41 3.01
N THR A 18 0.20 -1.05 2.20
CA THR A 18 -0.57 -2.21 2.65
C THR A 18 0.34 -3.35 3.06
N MET A 19 1.51 -3.42 2.44
CA MET A 19 2.49 -4.47 2.74
C MET A 19 3.37 -4.06 3.92
N ILE A 20 3.60 -2.77 4.06
CA ILE A 20 4.45 -2.24 5.13
C ILE A 20 3.76 -2.37 6.49
N VAL A 21 2.44 -2.17 6.51
CA VAL A 21 1.68 -2.27 7.75
C VAL A 21 1.74 -3.69 8.31
N ILE A 22 1.97 -4.65 7.42
CA ILE A 22 2.08 -6.05 7.83
C ILE A 22 3.40 -6.31 8.52
N THR A 23 4.35 -5.40 8.29
CA THR A 23 5.67 -5.51 8.89
C THR A 23 5.66 -5.08 10.36
N LEU A 24 4.72 -4.22 10.72
CA LEU A 24 4.61 -3.72 12.08
C LEU A 24 3.95 -4.76 13.00
N VAL A 25 2.94 -5.44 12.48
CA VAL A 25 2.23 -6.46 13.25
C VAL A 25 3.12 -7.67 13.56
N MET A 26 3.93 -8.05 12.59
CA MET A 26 4.84 -9.19 12.76
C MET A 26 5.81 -8.95 13.91
N LEU A 27 6.26 -7.71 14.05
CA LEU A 27 7.20 -7.35 15.11
C LEU A 27 6.47 -7.10 16.42
N LYS A 28 5.23 -6.65 16.33
CA LYS A 28 4.42 -6.36 17.51
C LYS A 28 3.90 -7.67 18.13
N LYS A 29 3.90 -8.73 17.33
CA LYS A 29 3.44 -10.04 17.79
C LYS A 29 4.60 -10.85 18.35
N LYS A 30 5.79 -10.62 17.79
CA LYS A 30 6.99 -11.34 18.23
C LYS A 30 7.51 -10.77 19.55
N SER A 1 3.28 9.25 -19.58
CA SER A 1 3.15 9.68 -20.99
C SER A 1 1.68 9.88 -21.37
N ASN A 2 0.82 9.04 -20.80
CA ASN A 2 -0.62 9.12 -21.07
C ASN A 2 -1.42 9.16 -19.78
N LYS A 3 -2.61 9.76 -19.83
CA LYS A 3 -3.47 9.87 -18.65
C LYS A 3 -3.76 8.50 -18.04
N GLY A 4 -4.09 7.54 -18.90
CA GLY A 4 -4.41 6.20 -18.43
C GLY A 4 -3.27 5.59 -17.63
N ALA A 5 -2.04 5.99 -17.93
CA ALA A 5 -0.87 5.48 -17.24
C ALA A 5 -0.82 5.98 -15.81
N ILE A 6 -1.38 7.17 -15.58
CA ILE A 6 -1.40 7.76 -14.25
C ILE A 6 -2.17 6.89 -13.27
N ILE A 7 -3.27 6.32 -13.73
CA ILE A 7 -4.10 5.45 -12.89
C ILE A 7 -3.32 4.21 -12.46
N GLY A 8 -2.55 3.65 -13.37
CA GLY A 8 -1.77 2.47 -13.07
C GLY A 8 -0.75 2.71 -11.98
N LEU A 9 -0.36 3.98 -11.80
CA LEU A 9 0.62 4.34 -10.78
C LEU A 9 -0.04 4.49 -9.42
N MET A 10 -1.34 4.78 -9.42
CA MET A 10 -2.09 4.96 -8.17
C MET A 10 -2.42 3.61 -7.53
N VAL A 11 -2.63 2.59 -8.36
CA VAL A 11 -2.96 1.26 -7.86
C VAL A 11 -1.71 0.55 -7.32
N GLY A 12 -0.56 0.90 -7.86
CA GLY A 12 0.69 0.28 -7.43
C GLY A 12 1.23 0.89 -6.15
N GLY A 13 0.52 1.89 -5.63
CA GLY A 13 0.95 2.54 -4.40
C GLY A 13 0.18 2.05 -3.19
N VAL A 14 -1.10 1.76 -3.37
CA VAL A 14 -1.95 1.28 -2.29
C VAL A 14 -1.49 -0.10 -1.81
N VAL A 15 -0.80 -0.82 -2.68
CA VAL A 15 -0.30 -2.15 -2.35
C VAL A 15 0.92 -2.09 -1.46
N ILE A 16 1.76 -1.08 -1.68
CA ILE A 16 2.98 -0.91 -0.88
C ILE A 16 2.65 -0.55 0.57
N ALA A 17 1.64 0.29 0.75
CA ALA A 17 1.21 0.72 2.08
C ALA A 17 0.66 -0.45 2.88
N THR A 18 0.09 -1.43 2.18
CA THR A 18 -0.49 -2.60 2.83
C THR A 18 0.59 -3.61 3.22
N MET A 19 1.73 -3.56 2.54
CA MET A 19 2.84 -4.46 2.82
C MET A 19 3.63 -4.00 4.05
N ILE A 20 3.60 -2.70 4.30
CA ILE A 20 4.32 -2.13 5.44
C ILE A 20 3.56 -2.36 6.75
N VAL A 21 2.27 -2.05 6.74
CA VAL A 21 1.43 -2.22 7.93
C VAL A 21 1.49 -3.65 8.46
N ILE A 22 1.72 -4.60 7.55
CA ILE A 22 1.81 -6.01 7.93
C ILE A 22 3.18 -6.34 8.50
N THR A 23 4.20 -5.62 8.06
CA THR A 23 5.56 -5.85 8.53
C THR A 23 5.72 -5.37 9.97
N LEU A 24 4.96 -4.35 10.34
CA LEU A 24 5.03 -3.79 11.69
C LEU A 24 4.28 -4.68 12.68
N VAL A 25 3.07 -5.10 12.32
CA VAL A 25 2.27 -5.93 13.19
C VAL A 25 2.97 -7.26 13.47
N MET A 26 3.75 -7.74 12.50
CA MET A 26 4.48 -9.00 12.66
C MET A 26 5.55 -8.87 13.73
N LEU A 27 5.98 -7.63 14.01
CA LEU A 27 7.01 -7.39 15.01
C LEU A 27 6.45 -7.63 16.41
N LYS A 28 5.19 -7.25 16.62
CA LYS A 28 4.54 -7.45 17.92
C LYS A 28 4.51 -8.92 18.28
N LYS A 29 4.38 -9.76 17.26
CA LYS A 29 4.33 -11.21 17.45
C LYS A 29 5.74 -11.78 17.59
N LYS A 30 6.63 -11.35 16.70
CA LYS A 30 8.02 -11.80 16.70
C LYS A 30 8.10 -13.32 16.75
N SER A 1 -4.22 15.57 -21.84
CA SER A 1 -5.10 14.75 -22.72
C SER A 1 -5.60 13.52 -21.99
N ASN A 2 -4.68 12.68 -21.54
CA ASN A 2 -5.03 11.46 -20.83
C ASN A 2 -4.58 11.54 -19.37
N LYS A 3 -5.48 12.01 -18.51
CA LYS A 3 -5.18 12.13 -17.09
C LYS A 3 -5.45 10.83 -16.36
N GLY A 4 -6.16 9.92 -17.01
CA GLY A 4 -6.49 8.64 -16.41
C GLY A 4 -5.28 7.73 -16.29
N ALA A 5 -4.17 8.12 -16.92
CA ALA A 5 -2.95 7.34 -16.89
C ALA A 5 -2.18 7.57 -15.59
N ILE A 6 -2.37 8.75 -15.00
CA ILE A 6 -1.68 9.10 -13.76
C ILE A 6 -2.41 8.51 -12.55
N ILE A 7 -3.73 8.40 -12.66
CA ILE A 7 -4.55 7.85 -11.58
C ILE A 7 -4.10 6.44 -11.23
N GLY A 8 -3.87 5.62 -12.25
CA GLY A 8 -3.45 4.25 -12.03
C GLY A 8 -2.15 4.17 -11.26
N LEU A 9 -1.27 5.13 -11.49
CA LEU A 9 0.03 5.18 -10.81
C LEU A 9 -0.15 5.55 -9.34
N MET A 10 -1.17 6.34 -9.05
CA MET A 10 -1.43 6.78 -7.69
C MET A 10 -2.05 5.64 -6.86
N VAL A 11 -2.75 4.74 -7.55
CA VAL A 11 -3.38 3.59 -6.89
C VAL A 11 -2.36 2.50 -6.63
N GLY A 12 -1.29 2.49 -7.42
CA GLY A 12 -0.25 1.49 -7.25
C GLY A 12 0.61 1.77 -6.03
N GLY A 13 0.33 2.88 -5.36
CA GLY A 13 1.11 3.24 -4.19
C GLY A 13 0.48 2.72 -2.90
N VAL A 14 -0.84 2.82 -2.80
CA VAL A 14 -1.55 2.36 -1.62
C VAL A 14 -1.35 0.86 -1.42
N VAL A 15 -1.16 0.14 -2.53
CA VAL A 15 -0.94 -1.30 -2.47
C VAL A 15 0.39 -1.62 -1.82
N ILE A 16 1.34 -0.70 -1.94
CA ILE A 16 2.67 -0.88 -1.37
C ILE A 16 2.63 -0.65 0.14
N ALA A 17 1.86 0.35 0.57
CA ALA A 17 1.74 0.68 1.98
C ALA A 17 1.08 -0.46 2.75
N THR A 18 0.21 -1.21 2.07
CA THR A 18 -0.48 -2.32 2.68
C THR A 18 0.49 -3.39 3.16
N MET A 19 1.66 -3.44 2.52
CA MET A 19 2.68 -4.41 2.87
C MET A 19 3.56 -3.88 4.01
N ILE A 20 3.56 -2.56 4.18
CA ILE A 20 4.37 -1.94 5.22
C ILE A 20 3.70 -2.06 6.58
N VAL A 21 2.38 -1.86 6.60
CA VAL A 21 1.61 -1.95 7.85
C VAL A 21 1.67 -3.35 8.44
N ILE A 22 1.78 -4.35 7.58
CA ILE A 22 1.85 -5.74 8.03
C ILE A 22 3.21 -6.06 8.63
N THR A 23 4.20 -5.24 8.29
CA THR A 23 5.57 -5.42 8.80
C THR A 23 5.63 -5.14 10.29
N LEU A 24 4.67 -4.37 10.80
CA LEU A 24 4.62 -4.01 12.21
C LEU A 24 4.13 -5.19 13.05
N VAL A 25 2.96 -5.71 12.72
CA VAL A 25 2.37 -6.84 13.45
C VAL A 25 3.34 -8.02 13.50
N MET A 26 4.19 -8.13 12.49
CA MET A 26 5.16 -9.22 12.42
C MET A 26 6.32 -8.96 13.38
N LEU A 27 6.72 -7.69 13.49
CA LEU A 27 7.82 -7.31 14.38
C LEU A 27 7.55 -7.75 15.81
N LYS A 28 6.33 -7.50 16.29
CA LYS A 28 5.95 -7.86 17.65
C LYS A 28 6.07 -9.37 17.87
N LYS A 29 5.62 -10.15 16.90
CA LYS A 29 5.68 -11.61 16.98
C LYS A 29 7.13 -12.09 17.03
N LYS A 30 8.04 -11.30 16.45
CA LYS A 30 9.45 -11.65 16.43
C LYS A 30 10.11 -11.37 17.78
N SER A 1 5.60 22.69 -10.72
CA SER A 1 6.95 22.12 -10.49
C SER A 1 6.91 20.60 -10.42
N ASN A 2 6.21 20.07 -9.42
CA ASN A 2 6.08 18.63 -9.24
C ASN A 2 4.93 18.30 -8.30
N LYS A 3 4.03 19.25 -8.12
CA LYS A 3 2.88 19.06 -7.24
C LYS A 3 1.90 18.05 -7.83
N GLY A 4 1.62 18.19 -9.12
CA GLY A 4 0.70 17.29 -9.79
C GLY A 4 1.28 15.90 -9.98
N ALA A 5 2.60 15.78 -9.84
CA ALA A 5 3.27 14.50 -10.00
C ALA A 5 3.07 13.61 -8.78
N ILE A 6 3.13 14.22 -7.60
CA ILE A 6 2.97 13.49 -6.35
C ILE A 6 1.56 12.89 -6.26
N ILE A 7 0.62 13.48 -6.99
CA ILE A 7 -0.76 13.01 -6.99
C ILE A 7 -0.84 11.52 -7.34
N GLY A 8 0.05 11.10 -8.24
CA GLY A 8 0.07 9.70 -8.66
C GLY A 8 0.74 8.80 -7.64
N LEU A 9 1.55 9.38 -6.78
CA LEU A 9 2.26 8.62 -5.75
C LEU A 9 1.36 8.36 -4.55
N MET A 10 0.33 9.18 -4.40
CA MET A 10 -0.61 9.03 -3.30
C MET A 10 -1.55 7.84 -3.53
N VAL A 11 -1.94 7.64 -4.79
CA VAL A 11 -2.83 6.55 -5.16
C VAL A 11 -2.07 5.22 -5.21
N GLY A 12 -0.87 5.26 -5.77
CA GLY A 12 -0.05 4.06 -5.88
C GLY A 12 0.68 3.75 -4.59
N GLY A 13 0.53 4.63 -3.60
CA GLY A 13 1.18 4.43 -2.32
C GLY A 13 0.36 3.60 -1.36
N VAL A 14 -0.96 3.62 -1.55
CA VAL A 14 -1.85 2.86 -0.68
C VAL A 14 -1.58 1.36 -0.81
N VAL A 15 -1.12 0.96 -1.99
CA VAL A 15 -0.82 -0.45 -2.25
C VAL A 15 0.53 -0.84 -1.64
N ILE A 16 1.46 0.10 -1.66
CA ILE A 16 2.80 -0.13 -1.12
C ILE A 16 2.77 -0.13 0.40
N ALA A 17 1.86 0.66 0.97
CA ALA A 17 1.74 0.77 2.42
C ALA A 17 1.02 -0.45 3.00
N THR A 18 0.19 -1.09 2.18
CA THR A 18 -0.56 -2.26 2.62
C THR A 18 0.39 -3.38 3.07
N MET A 19 1.55 -3.47 2.42
CA MET A 19 2.54 -4.48 2.74
C MET A 19 3.45 -4.02 3.88
N ILE A 20 3.57 -2.70 4.04
CA ILE A 20 4.41 -2.13 5.08
C ILE A 20 3.74 -2.22 6.45
N VAL A 21 2.42 -2.07 6.48
CA VAL A 21 1.68 -2.14 7.73
C VAL A 21 1.71 -3.55 8.32
N ILE A 22 1.90 -4.54 7.45
CA ILE A 22 1.96 -5.93 7.88
C ILE A 22 3.25 -6.22 8.65
N THR A 23 4.33 -5.56 8.26
CA THR A 23 5.62 -5.73 8.92
C THR A 23 5.55 -5.22 10.36
N LEU A 24 4.60 -4.32 10.61
CA LEU A 24 4.42 -3.75 11.94
C LEU A 24 3.94 -4.80 12.93
N VAL A 25 2.94 -5.59 12.53
CA VAL A 25 2.39 -6.62 13.39
C VAL A 25 3.36 -7.79 13.55
N MET A 26 4.20 -8.00 12.55
CA MET A 26 5.17 -9.09 12.59
C MET A 26 6.33 -8.77 13.54
N LEU A 27 6.91 -7.58 13.38
CA LEU A 27 8.02 -7.16 14.23
C LEU A 27 7.57 -7.01 15.67
N LYS A 28 6.29 -6.68 15.86
CA LYS A 28 5.73 -6.50 17.19
C LYS A 28 5.60 -7.84 17.90
N LYS A 29 5.37 -8.90 17.13
CA LYS A 29 5.22 -10.24 17.69
C LYS A 29 6.58 -10.87 17.95
N LYS A 30 7.60 -10.43 17.21
CA LYS A 30 8.96 -10.95 17.38
C LYS A 30 9.77 -10.05 18.30
N SER A 1 6.23 9.80 -24.96
CA SER A 1 5.79 10.26 -23.63
C SER A 1 5.11 9.14 -22.85
N ASN A 2 4.04 8.60 -23.42
CA ASN A 2 3.28 7.52 -22.78
C ASN A 2 2.85 7.92 -21.38
N LYS A 3 1.69 8.58 -21.29
CA LYS A 3 1.15 9.02 -20.01
C LYS A 3 0.57 7.85 -19.23
N GLY A 4 0.25 6.78 -19.94
CA GLY A 4 -0.33 5.61 -19.31
C GLY A 4 0.68 4.85 -18.46
N ALA A 5 1.95 5.21 -18.57
CA ALA A 5 3.00 4.56 -17.81
C ALA A 5 3.12 5.15 -16.41
N ILE A 6 2.99 6.47 -16.31
CA ILE A 6 3.08 7.16 -15.04
C ILE A 6 1.92 6.76 -14.12
N ILE A 7 0.77 6.46 -14.71
CA ILE A 7 -0.40 6.07 -13.95
C ILE A 7 -0.21 4.71 -13.29
N GLY A 8 0.66 3.89 -13.89
CA GLY A 8 0.92 2.56 -13.35
C GLY A 8 1.67 2.60 -12.03
N LEU A 9 2.66 3.48 -11.93
CA LEU A 9 3.45 3.61 -10.72
C LEU A 9 2.58 4.05 -9.55
N MET A 10 1.45 4.69 -9.84
CA MET A 10 0.54 5.16 -8.81
C MET A 10 -0.23 3.98 -8.21
N VAL A 11 -0.49 2.97 -9.02
CA VAL A 11 -1.22 1.80 -8.58
C VAL A 11 -0.29 0.79 -7.90
N GLY A 12 0.97 0.79 -8.34
CA GLY A 12 1.95 -0.12 -7.76
C GLY A 12 2.51 0.40 -6.45
N GLY A 13 2.17 1.63 -6.11
CA GLY A 13 2.66 2.22 -4.87
C GLY A 13 1.74 1.96 -3.69
N VAL A 14 0.44 1.90 -3.96
CA VAL A 14 -0.53 1.65 -2.90
C VAL A 14 -0.41 0.23 -2.37
N VAL A 15 0.11 -0.67 -3.20
CA VAL A 15 0.30 -2.06 -2.80
C VAL A 15 1.32 -2.19 -1.68
N ILE A 16 2.41 -1.45 -1.79
CA ILE A 16 3.46 -1.47 -0.78
C ILE A 16 2.96 -0.93 0.55
N ALA A 17 2.15 0.12 0.49
CA ALA A 17 1.59 0.74 1.69
C ALA A 17 0.79 -0.27 2.52
N THR A 18 0.23 -1.27 1.84
CA THR A 18 -0.56 -2.29 2.51
C THR A 18 0.34 -3.37 3.11
N MET A 19 1.57 -3.45 2.60
CA MET A 19 2.53 -4.44 3.08
C MET A 19 3.28 -3.92 4.29
N ILE A 20 3.61 -2.63 4.27
CA ILE A 20 4.35 -2.00 5.37
C ILE A 20 3.60 -2.15 6.69
N VAL A 21 2.31 -1.83 6.67
CA VAL A 21 1.48 -1.92 7.87
C VAL A 21 1.52 -3.33 8.47
N ILE A 22 1.76 -4.32 7.62
CA ILE A 22 1.82 -5.71 8.06
C ILE A 22 3.19 -6.04 8.67
N THR A 23 4.21 -5.33 8.21
CA THR A 23 5.57 -5.55 8.70
C THR A 23 5.68 -5.23 10.19
N LEU A 24 4.81 -4.37 10.68
CA LEU A 24 4.82 -3.98 12.10
C LEU A 24 4.27 -5.10 12.98
N VAL A 25 3.07 -5.58 12.65
CA VAL A 25 2.43 -6.64 13.42
C VAL A 25 3.25 -7.92 13.41
N MET A 26 4.04 -8.11 12.35
CA MET A 26 4.86 -9.31 12.22
C MET A 26 6.04 -9.28 13.18
N LEU A 27 6.58 -8.08 13.42
CA LEU A 27 7.72 -7.93 14.32
C LEU A 27 7.29 -8.08 15.78
N LYS A 28 6.05 -7.73 16.07
CA LYS A 28 5.52 -7.81 17.42
C LYS A 28 5.21 -9.26 17.78
N LYS A 29 4.77 -10.04 16.81
CA LYS A 29 4.43 -11.44 17.02
C LYS A 29 5.69 -12.30 17.02
N LYS A 30 6.80 -11.72 16.58
CA LYS A 30 8.08 -12.44 16.53
C LYS A 30 8.53 -12.84 17.94
N SER A 1 -18.36 1.10 -17.17
CA SER A 1 -18.28 -0.31 -17.63
C SER A 1 -16.84 -0.77 -17.76
N ASN A 2 -15.93 0.19 -17.81
CA ASN A 2 -14.50 -0.11 -17.93
C ASN A 2 -13.67 0.80 -17.03
N LYS A 3 -14.27 1.22 -15.93
CA LYS A 3 -13.58 2.09 -14.97
C LYS A 3 -12.45 1.35 -14.27
N GLY A 4 -12.44 0.03 -14.40
CA GLY A 4 -11.40 -0.77 -13.79
C GLY A 4 -10.02 -0.46 -14.31
N ALA A 5 -9.96 0.25 -15.43
CA ALA A 5 -8.69 0.62 -16.03
C ALA A 5 -8.00 1.74 -15.25
N ILE A 6 -8.81 2.63 -14.68
CA ILE A 6 -8.30 3.75 -13.91
C ILE A 6 -8.14 3.36 -12.44
N ILE A 7 -9.24 2.91 -11.82
CA ILE A 7 -9.22 2.51 -10.42
C ILE A 7 -8.23 1.39 -10.18
N GLY A 8 -8.08 0.51 -11.19
CA GLY A 8 -7.16 -0.60 -11.07
C GLY A 8 -5.73 -0.14 -10.86
N LEU A 9 -5.35 0.93 -11.54
CA LEU A 9 -4.01 1.48 -11.43
C LEU A 9 -3.80 2.16 -10.09
N MET A 10 -4.89 2.59 -9.46
CA MET A 10 -4.84 3.25 -8.17
C MET A 10 -4.52 2.26 -7.05
N VAL A 11 -4.87 1.00 -7.28
CA VAL A 11 -4.62 -0.05 -6.30
C VAL A 11 -3.13 -0.32 -6.15
N GLY A 12 -2.37 0.00 -7.20
CA GLY A 12 -0.94 -0.22 -7.18
C GLY A 12 -0.22 0.66 -6.17
N GLY A 13 -0.96 1.62 -5.61
CA GLY A 13 -0.38 2.52 -4.63
C GLY A 13 -0.71 2.13 -3.20
N VAL A 14 -1.93 1.62 -3.01
CA VAL A 14 -2.36 1.20 -1.68
C VAL A 14 -1.77 -0.16 -1.31
N VAL A 15 -1.52 -0.99 -2.32
CA VAL A 15 -0.95 -2.31 -2.10
C VAL A 15 0.45 -2.22 -1.49
N ILE A 16 1.20 -1.21 -1.92
CA ILE A 16 2.55 -1.00 -1.43
C ILE A 16 2.55 -0.67 0.06
N ALA A 17 1.62 0.19 0.46
CA ALA A 17 1.50 0.59 1.86
C ALA A 17 1.01 -0.56 2.73
N THR A 18 0.31 -1.51 2.09
CA THR A 18 -0.22 -2.66 2.80
C THR A 18 0.90 -3.59 3.25
N MET A 19 2.02 -3.54 2.56
CA MET A 19 3.17 -4.37 2.89
C MET A 19 3.94 -3.80 4.07
N ILE A 20 3.80 -2.50 4.29
CA ILE A 20 4.49 -1.81 5.38
C ILE A 20 3.72 -1.92 6.68
N VAL A 21 2.40 -1.80 6.60
CA VAL A 21 1.54 -1.88 7.77
C VAL A 21 1.56 -3.28 8.39
N ILE A 22 1.77 -4.29 7.55
CA ILE A 22 1.82 -5.67 8.02
C ILE A 22 3.17 -6.00 8.65
N THR A 23 4.20 -5.28 8.22
CA THR A 23 5.55 -5.49 8.73
C THR A 23 5.59 -5.36 10.25
N LEU A 24 4.92 -4.34 10.77
CA LEU A 24 4.88 -4.10 12.21
C LEU A 24 4.09 -5.19 12.93
N VAL A 25 3.19 -5.84 12.19
CA VAL A 25 2.36 -6.89 12.75
C VAL A 25 3.11 -8.22 12.80
N MET A 26 4.08 -8.37 11.91
CA MET A 26 4.88 -9.60 11.85
C MET A 26 5.85 -9.68 13.01
N LEU A 27 6.60 -8.60 13.24
CA LEU A 27 7.57 -8.56 14.32
C LEU A 27 6.89 -8.55 15.69
N LYS A 28 5.72 -7.91 15.76
CA LYS A 28 4.98 -7.83 17.01
C LYS A 28 4.38 -9.18 17.38
N LYS A 29 4.06 -9.98 16.36
CA LYS A 29 3.48 -11.30 16.58
C LYS A 29 4.49 -12.24 17.24
N LYS A 30 5.77 -11.90 17.09
CA LYS A 30 6.85 -12.71 17.65
C LYS A 30 6.77 -12.73 19.17
N SER A 1 -9.74 1.91 -25.53
CA SER A 1 -9.28 2.83 -24.44
C SER A 1 -8.32 2.11 -23.50
N ASN A 2 -7.38 2.88 -22.94
CA ASN A 2 -6.40 2.33 -22.02
C ASN A 2 -6.47 3.04 -20.67
N LYS A 3 -7.61 3.66 -20.39
CA LYS A 3 -7.81 4.36 -19.13
C LYS A 3 -7.75 3.41 -17.95
N GLY A 4 -8.35 2.23 -18.13
CA GLY A 4 -8.35 1.24 -17.06
C GLY A 4 -6.96 0.70 -16.76
N ALA A 5 -6.04 0.86 -17.71
CA ALA A 5 -4.68 0.38 -17.54
C ALA A 5 -3.94 1.20 -16.48
N ILE A 6 -4.22 2.50 -16.43
CA ILE A 6 -3.59 3.39 -15.47
C ILE A 6 -3.91 2.96 -14.03
N ILE A 7 -5.19 2.71 -13.77
CA ILE A 7 -5.63 2.29 -12.44
C ILE A 7 -4.98 0.97 -12.05
N GLY A 8 -4.82 0.07 -13.03
CA GLY A 8 -4.20 -1.20 -12.76
C GLY A 8 -2.77 -1.07 -12.26
N LEU A 9 -2.10 -0.01 -12.69
CA LEU A 9 -0.72 0.24 -12.28
C LEU A 9 -0.69 0.91 -10.91
N MET A 10 -1.77 1.58 -10.55
CA MET A 10 -1.87 2.26 -9.26
C MET A 10 -1.94 1.25 -8.13
N VAL A 11 -2.40 0.04 -8.46
CA VAL A 11 -2.52 -1.02 -7.47
C VAL A 11 -1.15 -1.43 -6.95
N GLY A 12 -0.15 -1.32 -7.81
CA GLY A 12 1.22 -1.68 -7.43
C GLY A 12 1.83 -0.68 -6.46
N GLY A 13 1.20 0.49 -6.35
CA GLY A 13 1.69 1.51 -5.45
C GLY A 13 0.97 1.50 -4.12
N VAL A 14 -0.32 1.23 -4.16
CA VAL A 14 -1.13 1.18 -2.94
C VAL A 14 -0.88 -0.09 -2.16
N VAL A 15 -0.51 -1.15 -2.89
CA VAL A 15 -0.22 -2.44 -2.27
C VAL A 15 0.96 -2.33 -1.31
N ILE A 16 1.91 -1.47 -1.66
CA ILE A 16 3.09 -1.25 -0.85
C ILE A 16 2.71 -0.73 0.54
N ALA A 17 1.76 0.22 0.55
CA ALA A 17 1.29 0.80 1.80
C ALA A 17 0.67 -0.26 2.70
N THR A 18 0.02 -1.25 2.08
CA THR A 18 -0.62 -2.33 2.82
C THR A 18 0.40 -3.40 3.20
N MET A 19 1.52 -3.42 2.49
CA MET A 19 2.58 -4.40 2.75
C MET A 19 3.50 -3.92 3.87
N ILE A 20 3.54 -2.61 4.08
CA ILE A 20 4.38 -2.03 5.12
C ILE A 20 3.74 -2.18 6.50
N VAL A 21 2.44 -1.89 6.57
CA VAL A 21 1.70 -1.99 7.83
C VAL A 21 1.78 -3.39 8.43
N ILE A 22 2.02 -4.38 7.57
CA ILE A 22 2.11 -5.77 8.00
C ILE A 22 3.43 -6.05 8.70
N THR A 23 4.50 -5.39 8.26
CA THR A 23 5.82 -5.58 8.86
C THR A 23 5.81 -5.27 10.35
N LEU A 24 4.90 -4.39 10.76
CA LEU A 24 4.81 -4.00 12.17
C LEU A 24 4.09 -5.08 12.99
N VAL A 25 2.88 -5.44 12.54
CA VAL A 25 2.09 -6.45 13.24
C VAL A 25 2.81 -7.80 13.28
N MET A 26 3.63 -8.07 12.27
CA MET A 26 4.36 -9.32 12.20
C MET A 26 5.44 -9.40 13.29
N LEU A 27 5.90 -8.25 13.75
CA LEU A 27 6.93 -8.20 14.79
C LEU A 27 6.32 -8.45 16.16
N LYS A 28 5.10 -7.96 16.36
CA LYS A 28 4.40 -8.13 17.63
C LYS A 28 4.07 -9.61 17.88
N LYS A 29 3.67 -10.30 16.82
CA LYS A 29 3.32 -11.71 16.91
C LYS A 29 4.57 -12.59 16.94
N LYS A 30 5.63 -12.12 16.28
CA LYS A 30 6.89 -12.86 16.22
C LYS A 30 7.57 -12.87 17.58
N SER A 1 -3.82 5.59 -27.11
CA SER A 1 -4.80 6.13 -26.12
C SER A 1 -4.98 5.16 -24.95
N ASN A 2 -3.94 4.38 -24.66
CA ASN A 2 -4.00 3.40 -23.57
C ASN A 2 -3.80 4.10 -22.23
N LYS A 3 -4.90 4.44 -21.58
CA LYS A 3 -4.85 5.11 -20.28
C LYS A 3 -4.62 4.09 -19.15
N GLY A 4 -4.92 2.83 -19.44
CA GLY A 4 -4.75 1.78 -18.45
C GLY A 4 -3.29 1.57 -18.09
N ALA A 5 -2.40 2.16 -18.86
CA ALA A 5 -0.97 2.03 -18.62
C ALA A 5 -0.51 2.96 -17.50
N ILE A 6 -1.20 4.08 -17.35
CA ILE A 6 -0.87 5.05 -16.31
C ILE A 6 -1.58 4.72 -15.01
N ILE A 7 -2.85 4.36 -15.10
CA ILE A 7 -3.64 4.02 -13.93
C ILE A 7 -3.07 2.79 -13.21
N GLY A 8 -2.56 1.85 -13.99
CA GLY A 8 -1.99 0.65 -13.41
C GLY A 8 -0.79 0.93 -12.53
N LEU A 9 -0.15 2.07 -12.77
CA LEU A 9 1.03 2.47 -12.00
C LEU A 9 0.61 3.07 -10.65
N MET A 10 -0.61 3.58 -10.59
CA MET A 10 -1.13 4.17 -9.36
C MET A 10 -1.65 3.10 -8.41
N VAL A 11 -2.09 1.98 -8.99
CA VAL A 11 -2.62 0.87 -8.19
C VAL A 11 -1.49 0.08 -7.55
N GLY A 12 -0.31 0.14 -8.16
CA GLY A 12 0.84 -0.58 -7.62
C GLY A 12 1.44 0.10 -6.41
N GLY A 13 0.88 1.25 -6.05
CA GLY A 13 1.38 1.99 -4.90
C GLY A 13 0.59 1.69 -3.63
N VAL A 14 -0.72 1.60 -3.76
CA VAL A 14 -1.58 1.32 -2.62
C VAL A 14 -1.25 -0.03 -2.00
N VAL A 15 -0.79 -0.95 -2.82
CA VAL A 15 -0.43 -2.29 -2.35
C VAL A 15 0.81 -2.24 -1.46
N ILE A 16 1.74 -1.35 -1.80
CA ILE A 16 2.97 -1.20 -1.03
C ILE A 16 2.67 -0.74 0.39
N ALA A 17 1.74 0.20 0.53
CA ALA A 17 1.36 0.72 1.84
C ALA A 17 0.66 -0.35 2.67
N THR A 18 0.05 -1.32 1.99
CA THR A 18 -0.65 -2.40 2.67
C THR A 18 0.32 -3.45 3.19
N MET A 19 1.52 -3.47 2.62
CA MET A 19 2.55 -4.42 3.03
C MET A 19 3.35 -3.88 4.20
N ILE A 20 3.63 -2.58 4.17
CA ILE A 20 4.40 -1.94 5.23
C ILE A 20 3.70 -2.04 6.58
N VAL A 21 2.38 -1.91 6.58
CA VAL A 21 1.61 -1.99 7.82
C VAL A 21 1.69 -3.39 8.43
N ILE A 22 1.94 -4.39 7.60
CA ILE A 22 2.03 -5.77 8.07
C ILE A 22 3.40 -6.07 8.67
N THR A 23 4.44 -5.41 8.16
CA THR A 23 5.79 -5.61 8.65
C THR A 23 5.88 -5.32 10.15
N LEU A 24 4.94 -4.53 10.66
CA LEU A 24 4.92 -4.18 12.07
C LEU A 24 4.54 -5.39 12.93
N VAL A 25 3.46 -6.07 12.55
CA VAL A 25 3.00 -7.23 13.28
C VAL A 25 3.93 -8.43 13.06
N MET A 26 4.63 -8.43 11.94
CA MET A 26 5.56 -9.49 11.61
C MET A 26 6.72 -9.54 12.60
N LEU A 27 7.31 -8.37 12.88
CA LEU A 27 8.42 -8.27 13.80
C LEU A 27 7.97 -8.56 15.23
N LYS A 28 6.70 -8.28 15.52
CA LYS A 28 6.15 -8.51 16.84
C LYS A 28 6.07 -10.00 17.14
N LYS A 29 5.97 -10.79 16.08
CA LYS A 29 5.88 -12.24 16.22
C LYS A 29 7.28 -12.87 16.24
N LYS A 30 8.21 -12.22 15.54
CA LYS A 30 9.59 -12.71 15.47
C LYS A 30 10.58 -11.61 15.85
N SER A 1 2.98 6.63 -25.44
CA SER A 1 2.16 6.85 -24.23
C SER A 1 1.29 5.63 -23.94
N ASN A 2 1.73 4.81 -22.99
CA ASN A 2 1.00 3.61 -22.61
C ASN A 2 0.11 3.87 -21.40
N LYS A 3 -1.20 3.76 -21.59
CA LYS A 3 -2.15 4.00 -20.51
C LYS A 3 -2.12 2.87 -19.48
N GLY A 4 -1.91 1.64 -19.95
CA GLY A 4 -1.87 0.50 -19.07
C GLY A 4 -0.76 0.60 -18.04
N ALA A 5 0.23 1.44 -18.32
CA ALA A 5 1.37 1.63 -17.42
C ALA A 5 1.03 2.63 -16.31
N ILE A 6 0.43 3.75 -16.70
CA ILE A 6 0.08 4.79 -15.75
C ILE A 6 -0.81 4.24 -14.63
N ILE A 7 -1.78 3.42 -15.00
CA ILE A 7 -2.70 2.82 -14.03
C ILE A 7 -1.94 1.97 -13.02
N GLY A 8 -0.92 1.27 -13.50
CA GLY A 8 -0.14 0.40 -12.62
C GLY A 8 0.79 1.18 -11.70
N LEU A 9 1.20 2.36 -12.16
CA LEU A 9 2.10 3.20 -11.37
C LEU A 9 1.40 3.71 -10.11
N MET A 10 0.08 3.86 -10.19
CA MET A 10 -0.71 4.34 -9.06
C MET A 10 -0.94 3.23 -8.06
N VAL A 11 -1.34 2.05 -8.55
CA VAL A 11 -1.59 0.91 -7.69
C VAL A 11 -0.28 0.39 -7.08
N GLY A 12 0.82 0.63 -7.78
CA GLY A 12 2.12 0.17 -7.31
C GLY A 12 2.59 0.94 -6.09
N GLY A 13 1.85 1.99 -5.72
CA GLY A 13 2.22 2.79 -4.57
C GLY A 13 1.34 2.50 -3.36
N VAL A 14 0.05 2.28 -3.61
CA VAL A 14 -0.90 2.00 -2.54
C VAL A 14 -0.72 0.57 -2.04
N VAL A 15 -0.27 -0.32 -2.91
CA VAL A 15 -0.06 -1.72 -2.56
C VAL A 15 1.07 -1.87 -1.55
N ILE A 16 2.09 -1.02 -1.69
CA ILE A 16 3.24 -1.05 -0.79
C ILE A 16 2.82 -0.69 0.63
N ALA A 17 1.99 0.34 0.75
CA ALA A 17 1.51 0.78 2.07
C ALA A 17 0.72 -0.32 2.76
N THR A 18 0.24 -1.29 1.97
CA THR A 18 -0.51 -2.40 2.52
C THR A 18 0.41 -3.50 3.03
N MET A 19 1.61 -3.58 2.47
CA MET A 19 2.59 -4.57 2.88
C MET A 19 3.41 -4.07 4.07
N ILE A 20 3.53 -2.75 4.18
CA ILE A 20 4.30 -2.15 5.27
C ILE A 20 3.57 -2.31 6.60
N VAL A 21 2.27 -2.01 6.61
CA VAL A 21 1.46 -2.13 7.82
C VAL A 21 1.52 -3.54 8.39
N ILE A 22 1.76 -4.51 7.52
CA ILE A 22 1.84 -5.90 7.94
C ILE A 22 3.20 -6.20 8.56
N THR A 23 4.22 -5.44 8.15
CA THR A 23 5.56 -5.63 8.68
C THR A 23 5.64 -5.21 10.15
N LEU A 24 4.85 -4.20 10.51
CA LEU A 24 4.83 -3.70 11.88
C LEU A 24 4.33 -4.76 12.85
N VAL A 25 3.18 -5.35 12.55
CA VAL A 25 2.59 -6.37 13.41
C VAL A 25 3.51 -7.59 13.55
N MET A 26 4.25 -7.88 12.49
CA MET A 26 5.17 -9.02 12.51
C MET A 26 6.25 -8.84 13.57
N LEU A 27 6.72 -7.61 13.73
CA LEU A 27 7.76 -7.32 14.72
C LEU A 27 7.24 -7.52 16.14
N LYS A 28 6.12 -6.89 16.45
CA LYS A 28 5.52 -7.01 17.78
C LYS A 28 5.04 -8.44 18.03
N LYS A 29 4.91 -9.20 16.96
CA LYS A 29 4.47 -10.59 17.05
C LYS A 29 5.65 -11.53 17.26
N LYS A 30 6.82 -11.08 16.82
CA LYS A 30 8.04 -11.87 16.95
C LYS A 30 8.41 -12.08 18.42
N SER A 1 0.57 19.54 -18.94
CA SER A 1 0.65 18.74 -17.68
C SER A 1 -0.66 18.03 -17.40
N ASN A 2 -0.60 16.70 -17.34
CA ASN A 2 -1.78 15.89 -17.07
C ASN A 2 -1.80 15.41 -15.63
N LYS A 3 -2.80 15.85 -14.87
CA LYS A 3 -2.94 15.47 -13.47
C LYS A 3 -3.28 13.98 -13.35
N GLY A 4 -3.88 13.43 -14.40
CA GLY A 4 -4.25 12.02 -14.39
C GLY A 4 -3.06 11.11 -14.23
N ALA A 5 -1.87 11.64 -14.48
CA ALA A 5 -0.64 10.86 -14.37
C ALA A 5 -0.17 10.77 -12.92
N ILE A 6 -0.62 11.72 -12.11
CA ILE A 6 -0.25 11.75 -10.69
C ILE A 6 -1.03 10.72 -9.89
N ILE A 7 -2.34 10.67 -10.10
CA ILE A 7 -3.19 9.72 -9.40
C ILE A 7 -2.81 8.28 -9.75
N GLY A 8 -2.44 8.06 -11.00
CA GLY A 8 -2.05 6.73 -11.44
C GLY A 8 -0.89 6.17 -10.64
N LEU A 9 0.04 7.04 -10.24
CA LEU A 9 1.19 6.62 -9.46
C LEU A 9 0.78 6.27 -8.03
N MET A 10 -0.35 6.82 -7.60
CA MET A 10 -0.85 6.56 -6.25
C MET A 10 -1.57 5.21 -6.20
N VAL A 11 -2.12 4.79 -7.33
CA VAL A 11 -2.84 3.52 -7.40
C VAL A 11 -1.92 2.36 -7.07
N GLY A 12 -0.67 2.44 -7.52
CA GLY A 12 0.30 1.39 -7.24
C GLY A 12 0.91 1.50 -5.85
N GLY A 13 0.88 2.71 -5.31
CA GLY A 13 1.45 2.94 -3.98
C GLY A 13 0.66 2.29 -2.87
N VAL A 14 -0.65 2.12 -3.08
CA VAL A 14 -1.51 1.51 -2.07
C VAL A 14 -1.17 0.03 -1.88
N VAL A 15 -0.61 -0.58 -2.92
CA VAL A 15 -0.25 -1.99 -2.86
C VAL A 15 0.93 -2.21 -1.89
N ILE A 16 1.85 -1.26 -1.87
CA ILE A 16 3.02 -1.35 -0.99
C ILE A 16 2.67 -0.90 0.43
N ALA A 17 1.87 0.16 0.53
CA ALA A 17 1.47 0.70 1.82
C ALA A 17 0.74 -0.36 2.66
N THR A 18 0.17 -1.36 1.98
CA THR A 18 -0.55 -2.43 2.66
C THR A 18 0.40 -3.47 3.23
N MET A 19 1.56 -3.61 2.58
CA MET A 19 2.56 -4.58 3.02
C MET A 19 3.45 -3.99 4.10
N ILE A 20 3.39 -2.68 4.27
CA ILE A 20 4.20 -1.99 5.27
C ILE A 20 3.53 -2.01 6.64
N VAL A 21 2.21 -1.84 6.65
CA VAL A 21 1.44 -1.84 7.90
C VAL A 21 1.46 -3.21 8.57
N ILE A 22 1.62 -4.25 7.75
CA ILE A 22 1.64 -5.63 8.26
C ILE A 22 3.03 -5.98 8.81
N THR A 23 4.05 -5.29 8.32
CA THR A 23 5.42 -5.53 8.76
C THR A 23 5.55 -5.35 10.27
N LEU A 24 5.01 -4.24 10.77
CA LEU A 24 5.07 -3.94 12.20
C LEU A 24 4.42 -5.04 13.02
N VAL A 25 3.42 -5.70 12.44
CA VAL A 25 2.72 -6.79 13.14
C VAL A 25 3.62 -8.00 13.29
N MET A 26 4.53 -8.19 12.35
CA MET A 26 5.45 -9.32 12.38
C MET A 26 6.36 -9.25 13.61
N LEU A 27 6.64 -8.04 14.06
CA LEU A 27 7.50 -7.83 15.23
C LEU A 27 6.77 -8.25 16.51
N LYS A 28 5.49 -7.93 16.58
CA LYS A 28 4.68 -8.27 17.75
C LYS A 28 4.63 -9.79 17.94
N LYS A 29 4.65 -10.51 16.82
CA LYS A 29 4.59 -11.97 16.85
C LYS A 29 5.97 -12.56 17.15
N LYS A 30 7.00 -11.91 16.64
CA LYS A 30 8.37 -12.36 16.85
C LYS A 30 8.89 -11.94 18.23
N SER A 1 -11.95 2.54 -24.82
CA SER A 1 -12.46 3.14 -23.56
C SER A 1 -12.29 2.17 -22.39
N ASN A 2 -11.19 2.31 -21.67
CA ASN A 2 -10.91 1.45 -20.52
C ASN A 2 -10.78 2.27 -19.24
N LYS A 3 -11.86 2.34 -18.48
CA LYS A 3 -11.87 3.09 -17.23
C LYS A 3 -11.12 2.34 -16.14
N GLY A 4 -11.23 1.01 -16.17
CA GLY A 4 -10.56 0.19 -15.17
C GLY A 4 -9.04 0.22 -15.33
N ALA A 5 -8.58 0.63 -16.51
CA ALA A 5 -7.16 0.71 -16.79
C ALA A 5 -6.49 1.80 -15.95
N ILE A 6 -7.25 2.86 -15.67
CA ILE A 6 -6.74 3.97 -14.88
C ILE A 6 -6.87 3.68 -13.39
N ILE A 7 -8.01 3.12 -13.00
CA ILE A 7 -8.26 2.79 -11.60
C ILE A 7 -7.25 1.77 -11.08
N GLY A 8 -6.79 0.90 -11.98
CA GLY A 8 -5.83 -0.11 -11.61
C GLY A 8 -4.46 0.47 -11.27
N LEU A 9 -4.08 1.53 -11.98
CA LEU A 9 -2.80 2.18 -11.77
C LEU A 9 -2.74 2.80 -10.37
N MET A 10 -3.89 3.18 -9.85
CA MET A 10 -3.97 3.79 -8.52
C MET A 10 -3.80 2.74 -7.43
N VAL A 11 -4.12 1.49 -7.78
CA VAL A 11 -4.00 0.38 -6.82
C VAL A 11 -2.53 0.05 -6.56
N GLY A 12 -1.70 0.25 -7.57
CA GLY A 12 -0.28 -0.05 -7.43
C GLY A 12 0.39 0.79 -6.36
N GLY A 13 -0.33 1.78 -5.84
CA GLY A 13 0.22 2.65 -4.82
C GLY A 13 -0.27 2.28 -3.43
N VAL A 14 -1.52 1.86 -3.33
CA VAL A 14 -2.11 1.48 -2.04
C VAL A 14 -1.57 0.14 -1.56
N VAL A 15 -1.29 -0.75 -2.51
CA VAL A 15 -0.76 -2.08 -2.18
C VAL A 15 0.58 -1.97 -1.45
N ILE A 16 1.39 -0.99 -1.85
CA ILE A 16 2.69 -0.77 -1.24
C ILE A 16 2.55 -0.46 0.25
N ALA A 17 1.54 0.33 0.59
CA ALA A 17 1.30 0.70 1.98
C ALA A 17 0.65 -0.44 2.75
N THR A 18 0.08 -1.40 2.01
CA THR A 18 -0.58 -2.54 2.63
C THR A 18 0.44 -3.58 3.09
N MET A 19 1.60 -3.59 2.45
CA MET A 19 2.66 -4.54 2.81
C MET A 19 3.53 -4.02 3.95
N ILE A 20 3.80 -2.72 3.93
CA ILE A 20 4.63 -2.10 4.96
C ILE A 20 4.01 -2.26 6.35
N VAL A 21 2.70 -2.13 6.44
CA VAL A 21 2.00 -2.26 7.72
C VAL A 21 2.10 -3.68 8.28
N ILE A 22 2.31 -4.65 7.39
CA ILE A 22 2.42 -6.05 7.80
C ILE A 22 3.64 -6.28 8.68
N THR A 23 4.72 -5.54 8.42
CA THR A 23 5.95 -5.68 9.17
C THR A 23 5.77 -5.23 10.62
N LEU A 24 4.80 -4.35 10.85
CA LEU A 24 4.54 -3.83 12.20
C LEU A 24 3.78 -4.84 13.05
N VAL A 25 2.71 -5.41 12.48
CA VAL A 25 1.90 -6.38 13.21
C VAL A 25 2.69 -7.65 13.54
N MET A 26 3.61 -8.04 12.65
CA MET A 26 4.42 -9.22 12.87
C MET A 26 5.29 -9.08 14.11
N LEU A 27 5.74 -7.87 14.38
CA LEU A 27 6.58 -7.60 15.54
C LEU A 27 5.76 -7.62 16.82
N LYS A 28 4.46 -7.41 16.68
CA LYS A 28 3.55 -7.40 17.82
C LYS A 28 3.14 -8.82 18.21
N LYS A 29 3.32 -9.77 17.29
CA LYS A 29 2.96 -11.15 17.54
C LYS A 29 4.14 -11.94 18.10
N LYS A 30 5.25 -11.25 18.34
CA LYS A 30 6.45 -11.89 18.86
C LYS A 30 6.13 -12.71 20.12
N SER A 1 3.14 20.05 -8.59
CA SER A 1 2.14 19.19 -7.91
C SER A 1 0.85 19.95 -7.63
N ASN A 2 -0.20 19.62 -8.39
CA ASN A 2 -1.49 20.27 -8.23
C ASN A 2 -2.26 19.67 -7.06
N LYS A 3 -3.40 20.28 -6.73
CA LYS A 3 -4.22 19.78 -5.62
C LYS A 3 -4.67 18.35 -5.87
N GLY A 4 -5.22 18.10 -7.06
CA GLY A 4 -5.68 16.78 -7.40
C GLY A 4 -4.54 15.82 -7.67
N ALA A 5 -3.36 16.37 -7.98
CA ALA A 5 -2.18 15.57 -8.26
C ALA A 5 -1.71 14.81 -7.02
N ILE A 6 -1.98 15.41 -5.85
CA ILE A 6 -1.59 14.80 -4.59
C ILE A 6 -2.44 13.57 -4.28
N ILE A 7 -3.71 13.62 -4.66
CA ILE A 7 -4.63 12.53 -4.44
C ILE A 7 -4.18 11.28 -5.20
N GLY A 8 -3.53 11.49 -6.34
CA GLY A 8 -3.06 10.38 -7.15
C GLY A 8 -1.94 9.62 -6.48
N LEU A 9 -1.21 10.29 -5.60
CA LEU A 9 -0.10 9.67 -4.87
C LEU A 9 -0.61 8.78 -3.74
N MET A 10 -1.81 9.09 -3.27
CA MET A 10 -2.42 8.32 -2.18
C MET A 10 -2.94 6.97 -2.70
N VAL A 11 -3.39 6.97 -3.94
CA VAL A 11 -3.91 5.75 -4.56
C VAL A 11 -2.77 4.76 -4.81
N GLY A 12 -1.67 5.26 -5.35
CA GLY A 12 -0.53 4.40 -5.63
C GLY A 12 0.32 4.14 -4.40
N GLY A 13 0.07 4.90 -3.34
CA GLY A 13 0.82 4.73 -2.11
C GLY A 13 0.16 3.77 -1.14
N VAL A 14 -1.18 3.70 -1.19
CA VAL A 14 -1.92 2.81 -0.30
C VAL A 14 -1.67 1.35 -0.66
N VAL A 15 -1.32 1.10 -1.92
CA VAL A 15 -1.05 -0.25 -2.39
C VAL A 15 0.20 -0.82 -1.75
N ILE A 16 1.29 -0.04 -1.78
CA ILE A 16 2.56 -0.47 -1.21
C ILE A 16 2.51 -0.40 0.32
N ALA A 17 1.79 0.58 0.84
CA ALA A 17 1.66 0.76 2.28
C ALA A 17 0.98 -0.44 2.93
N THR A 18 0.22 -1.18 2.14
CA THR A 18 -0.49 -2.35 2.63
C THR A 18 0.48 -3.42 3.11
N MET A 19 1.68 -3.42 2.53
CA MET A 19 2.71 -4.40 2.88
C MET A 19 3.48 -3.95 4.12
N ILE A 20 3.72 -2.65 4.22
CA ILE A 20 4.46 -2.08 5.36
C ILE A 20 3.72 -2.32 6.67
N VAL A 21 2.42 -2.01 6.67
CA VAL A 21 1.60 -2.17 7.88
C VAL A 21 1.65 -3.61 8.39
N ILE A 22 1.93 -4.54 7.49
CA ILE A 22 1.99 -5.96 7.85
C ILE A 22 3.31 -6.29 8.55
N THR A 23 4.35 -5.52 8.27
CA THR A 23 5.65 -5.74 8.88
C THR A 23 5.69 -5.25 10.32
N LEU A 24 4.86 -4.27 10.62
CA LEU A 24 4.81 -3.71 11.97
C LEU A 24 4.03 -4.61 12.91
N VAL A 25 3.03 -5.32 12.37
CA VAL A 25 2.21 -6.23 13.17
C VAL A 25 2.90 -7.57 13.39
N MET A 26 3.59 -8.06 12.37
CA MET A 26 4.29 -9.34 12.46
C MET A 26 5.47 -9.24 13.42
N LEU A 27 6.29 -8.21 13.25
CA LEU A 27 7.46 -8.02 14.10
C LEU A 27 7.04 -7.82 15.56
N LYS A 28 5.80 -7.38 15.76
CA LYS A 28 5.28 -7.16 17.10
C LYS A 28 4.99 -8.49 17.81
N LYS A 29 4.59 -9.49 17.02
CA LYS A 29 4.28 -10.80 17.57
C LYS A 29 5.56 -11.62 17.76
N LYS A 30 6.56 -11.34 16.95
CA LYS A 30 7.84 -12.04 17.03
C LYS A 30 8.75 -11.42 18.08
N SER A 1 -24.51 9.01 -9.20
CA SER A 1 -23.04 9.04 -9.01
C SER A 1 -22.58 7.87 -8.16
N ASN A 2 -21.71 7.03 -8.74
CA ASN A 2 -21.19 5.86 -8.05
C ASN A 2 -19.99 6.24 -7.18
N LYS A 3 -20.05 5.87 -5.90
CA LYS A 3 -18.98 6.18 -4.97
C LYS A 3 -17.84 5.16 -5.11
N GLY A 4 -18.11 4.07 -5.80
CA GLY A 4 -17.10 3.03 -5.98
C GLY A 4 -16.08 3.39 -7.05
N ALA A 5 -16.33 4.50 -7.74
CA ALA A 5 -15.43 4.96 -8.79
C ALA A 5 -14.24 5.71 -8.20
N ILE A 6 -14.48 6.45 -7.12
CA ILE A 6 -13.42 7.21 -6.47
C ILE A 6 -12.59 6.31 -5.56
N ILE A 7 -13.27 5.61 -4.65
CA ILE A 7 -12.59 4.72 -3.71
C ILE A 7 -11.86 3.61 -4.45
N GLY A 8 -12.39 3.22 -5.60
CA GLY A 8 -11.78 2.16 -6.38
C GLY A 8 -10.35 2.47 -6.77
N LEU A 9 -10.06 3.74 -7.02
CA LEU A 9 -8.72 4.17 -7.41
C LEU A 9 -7.83 4.35 -6.18
N MET A 10 -8.46 4.59 -5.03
CA MET A 10 -7.74 4.80 -3.79
C MET A 10 -7.11 3.49 -3.30
N VAL A 11 -7.68 2.38 -3.73
CA VAL A 11 -7.19 1.06 -3.34
C VAL A 11 -5.75 0.85 -3.82
N GLY A 12 -5.38 1.50 -4.92
CA GLY A 12 -4.03 1.37 -5.44
C GLY A 12 -3.00 2.05 -4.58
N GLY A 13 -3.46 2.72 -3.53
CA GLY A 13 -2.54 3.42 -2.64
C GLY A 13 -2.35 2.69 -1.33
N VAL A 14 -3.34 1.88 -0.95
CA VAL A 14 -3.27 1.12 0.29
C VAL A 14 -2.47 -0.16 0.11
N VAL A 15 -2.54 -0.73 -1.09
CA VAL A 15 -1.81 -1.96 -1.39
C VAL A 15 -0.31 -1.79 -1.14
N ILE A 16 0.25 -0.72 -1.67
CA ILE A 16 1.67 -0.43 -1.50
C ILE A 16 2.02 -0.24 -0.03
N ALA A 17 1.09 0.33 0.73
CA ALA A 17 1.29 0.56 2.15
C ALA A 17 1.01 -0.68 2.97
N THR A 18 0.31 -1.65 2.37
CA THR A 18 -0.03 -2.90 3.05
C THR A 18 1.23 -3.69 3.39
N MET A 19 2.13 -3.79 2.43
CA MET A 19 3.38 -4.53 2.63
C MET A 19 4.17 -3.99 3.81
N ILE A 20 4.04 -2.69 4.06
CA ILE A 20 4.75 -2.03 5.15
C ILE A 20 4.09 -2.30 6.49
N VAL A 21 2.79 -2.00 6.58
CA VAL A 21 2.04 -2.20 7.83
C VAL A 21 2.10 -3.65 8.30
N ILE A 22 2.32 -4.58 7.38
CA ILE A 22 2.39 -5.99 7.72
C ILE A 22 3.59 -6.29 8.63
N THR A 23 4.71 -5.60 8.37
CA THR A 23 5.91 -5.80 9.17
C THR A 23 5.70 -5.34 10.61
N LEU A 24 4.81 -4.37 10.80
CA LEU A 24 4.53 -3.85 12.13
C LEU A 24 3.61 -4.79 12.91
N VAL A 25 2.48 -5.14 12.30
CA VAL A 25 1.52 -6.03 12.94
C VAL A 25 2.13 -7.39 13.28
N MET A 26 3.04 -7.85 12.43
CA MET A 26 3.70 -9.14 12.65
C MET A 26 4.51 -9.13 13.95
N LEU A 27 4.88 -7.95 14.41
CA LEU A 27 5.65 -7.81 15.64
C LEU A 27 4.73 -7.85 16.86
N LYS A 28 3.49 -7.42 16.67
CA LYS A 28 2.51 -7.41 17.75
C LYS A 28 1.97 -8.81 18.01
N LYS A 29 2.09 -9.67 17.01
CA LYS A 29 1.62 -11.04 17.12
C LYS A 29 2.67 -11.94 17.77
N LYS A 30 3.92 -11.48 17.74
CA LYS A 30 5.03 -12.24 18.33
C LYS A 30 5.84 -11.36 19.26
N SER A 1 -20.38 12.03 -7.43
CA SER A 1 -20.09 12.53 -8.80
C SER A 1 -18.77 11.99 -9.32
N ASN A 2 -18.78 10.72 -9.72
CA ASN A 2 -17.58 10.07 -10.24
C ASN A 2 -16.43 10.16 -9.24
N LYS A 3 -16.78 10.14 -7.95
CA LYS A 3 -15.78 10.22 -6.89
C LYS A 3 -14.83 9.03 -6.95
N GLY A 4 -15.37 7.86 -7.27
CA GLY A 4 -14.56 6.66 -7.35
C GLY A 4 -13.46 6.77 -8.38
N ALA A 5 -13.64 7.65 -9.36
CA ALA A 5 -12.65 7.85 -10.41
C ALA A 5 -11.39 8.52 -9.86
N ILE A 6 -11.54 9.21 -8.74
CA ILE A 6 -10.42 9.90 -8.11
C ILE A 6 -9.65 8.95 -7.19
N ILE A 7 -10.39 8.17 -6.41
CA ILE A 7 -9.77 7.23 -5.49
C ILE A 7 -9.09 6.09 -6.25
N GLY A 8 -9.57 5.83 -7.47
CA GLY A 8 -9.00 4.77 -8.28
C GLY A 8 -7.50 4.90 -8.42
N LEU A 9 -7.02 6.13 -8.56
CA LEU A 9 -5.59 6.39 -8.70
C LEU A 9 -4.90 6.36 -7.34
N MET A 10 -5.68 6.59 -6.29
CA MET A 10 -5.15 6.58 -4.92
C MET A 10 -4.81 5.17 -4.47
N VAL A 11 -5.46 4.18 -5.09
CA VAL A 11 -5.24 2.78 -4.75
C VAL A 11 -3.78 2.39 -4.93
N GLY A 12 -3.08 3.11 -5.82
CA GLY A 12 -1.68 2.82 -6.06
C GLY A 12 -0.80 3.15 -4.87
N GLY A 13 -1.40 3.72 -3.83
CA GLY A 13 -0.65 4.08 -2.65
C GLY A 13 -0.96 3.19 -1.47
N VAL A 14 -2.21 2.72 -1.39
CA VAL A 14 -2.63 1.85 -0.29
C VAL A 14 -1.99 0.48 -0.42
N VAL A 15 -1.88 -0.02 -1.65
CA VAL A 15 -1.29 -1.32 -1.90
C VAL A 15 0.16 -1.37 -1.42
N ILE A 16 0.89 -0.29 -1.63
CA ILE A 16 2.28 -0.21 -1.23
C ILE A 16 2.41 -0.26 0.30
N ALA A 17 1.49 0.41 1.00
CA ALA A 17 1.50 0.44 2.45
C ALA A 17 0.95 -0.86 3.03
N THR A 18 0.16 -1.58 2.25
CA THR A 18 -0.43 -2.84 2.69
C THR A 18 0.65 -3.86 3.04
N MET A 19 1.78 -3.78 2.34
CA MET A 19 2.89 -4.70 2.56
C MET A 19 3.81 -4.20 3.67
N ILE A 20 3.80 -2.89 3.90
CA ILE A 20 4.63 -2.28 4.93
C ILE A 20 4.03 -2.45 6.32
N VAL A 21 2.71 -2.40 6.41
CA VAL A 21 2.02 -2.55 7.68
C VAL A 21 2.18 -3.96 8.24
N ILE A 22 2.41 -4.92 7.35
CA ILE A 22 2.59 -6.31 7.76
C ILE A 22 3.77 -6.48 8.70
N THR A 23 4.80 -5.66 8.50
CA THR A 23 6.00 -5.72 9.33
C THR A 23 5.74 -5.16 10.72
N LEU A 24 4.80 -4.21 10.81
CA LEU A 24 4.47 -3.58 12.09
C LEU A 24 3.59 -4.50 12.93
N VAL A 25 2.56 -5.08 12.32
CA VAL A 25 1.65 -5.95 13.02
C VAL A 25 2.36 -7.18 13.59
N MET A 26 3.27 -7.74 12.81
CA MET A 26 4.03 -8.92 13.23
C MET A 26 4.83 -8.63 14.50
N LEU A 27 5.38 -7.43 14.60
CA LEU A 27 6.16 -7.04 15.76
C LEU A 27 5.27 -6.89 17.00
N LYS A 28 3.99 -6.64 16.76
CA LYS A 28 3.03 -6.47 17.85
C LYS A 28 2.53 -7.81 18.36
N LYS A 29 2.58 -8.82 17.49
CA LYS A 29 2.14 -10.16 17.85
C LYS A 29 3.23 -10.92 18.60
N LYS A 30 4.46 -10.42 18.51
CA LYS A 30 5.58 -11.04 19.18
C LYS A 30 5.84 -10.40 20.54
N SER A 1 -6.28 -2.75 -26.78
CA SER A 1 -6.78 -2.45 -25.41
C SER A 1 -5.63 -2.35 -24.41
N ASN A 2 -5.30 -1.13 -24.03
CA ASN A 2 -4.22 -0.89 -23.08
C ASN A 2 -4.58 0.22 -22.11
N LYS A 3 -5.85 0.61 -22.11
CA LYS A 3 -6.33 1.67 -21.23
C LYS A 3 -6.51 1.15 -19.80
N GLY A 4 -6.89 -0.12 -19.67
CA GLY A 4 -7.08 -0.70 -18.35
C GLY A 4 -5.79 -1.19 -17.73
N ALA A 5 -4.80 -1.46 -18.58
CA ALA A 5 -3.50 -1.94 -18.11
C ALA A 5 -2.75 -0.85 -17.35
N ILE A 6 -3.03 0.40 -17.69
CA ILE A 6 -2.38 1.53 -17.04
C ILE A 6 -2.93 1.73 -15.62
N ILE A 7 -4.23 1.55 -15.48
CA ILE A 7 -4.88 1.72 -14.17
C ILE A 7 -4.32 0.73 -13.16
N GLY A 8 -3.96 -0.46 -13.63
CA GLY A 8 -3.40 -1.47 -12.75
C GLY A 8 -2.11 -1.02 -12.11
N LEU A 9 -1.30 -0.27 -12.86
CA LEU A 9 -0.03 0.22 -12.37
C LEU A 9 -0.24 1.21 -11.22
N MET A 10 -1.37 1.90 -11.24
CA MET A 10 -1.70 2.87 -10.21
C MET A 10 -2.04 2.16 -8.91
N VAL A 11 -2.63 0.97 -9.02
CA VAL A 11 -3.01 0.17 -7.86
C VAL A 11 -1.79 -0.42 -7.19
N GLY A 12 -0.72 -0.59 -7.96
CA GLY A 12 0.51 -1.14 -7.42
C GLY A 12 1.12 -0.27 -6.34
N GLY A 13 0.55 0.93 -6.16
CA GLY A 13 1.05 1.84 -5.15
C GLY A 13 0.44 1.58 -3.78
N VAL A 14 -0.88 1.36 -3.76
CA VAL A 14 -1.58 1.10 -2.50
C VAL A 14 -1.18 -0.25 -1.91
N VAL A 15 -0.75 -1.16 -2.77
CA VAL A 15 -0.33 -2.48 -2.32
C VAL A 15 0.93 -2.38 -1.46
N ILE A 16 1.75 -1.37 -1.74
CA ILE A 16 2.99 -1.16 -0.99
C ILE A 16 2.67 -0.76 0.45
N ALA A 17 1.82 0.23 0.62
CA ALA A 17 1.43 0.71 1.94
C ALA A 17 0.75 -0.39 2.74
N THR A 18 0.06 -1.28 2.04
CA THR A 18 -0.64 -2.39 2.69
C THR A 18 0.34 -3.40 3.26
N MET A 19 1.54 -3.44 2.69
CA MET A 19 2.58 -4.36 3.15
C MET A 19 3.37 -3.77 4.30
N ILE A 20 3.61 -2.46 4.25
CA ILE A 20 4.37 -1.78 5.29
C ILE A 20 3.66 -1.87 6.65
N VAL A 21 2.34 -1.89 6.63
CA VAL A 21 1.56 -1.97 7.87
C VAL A 21 1.57 -3.38 8.46
N ILE A 22 1.76 -4.37 7.60
CA ILE A 22 1.78 -5.77 8.03
C ILE A 22 3.13 -6.16 8.62
N THR A 23 4.19 -5.51 8.14
CA THR A 23 5.54 -5.80 8.62
C THR A 23 5.71 -5.41 10.10
N LEU A 24 4.94 -4.43 10.54
CA LEU A 24 5.01 -3.97 11.94
C LEU A 24 4.29 -4.94 12.87
N VAL A 25 3.20 -5.53 12.40
CA VAL A 25 2.43 -6.46 13.22
C VAL A 25 3.04 -7.86 13.20
N MET A 26 3.79 -8.16 12.15
CA MET A 26 4.43 -9.47 12.02
C MET A 26 5.65 -9.57 12.92
N LEU A 27 6.59 -8.64 12.75
CA LEU A 27 7.81 -8.62 13.56
C LEU A 27 7.48 -8.57 15.04
N LYS A 28 6.37 -7.90 15.38
CA LYS A 28 5.95 -7.78 16.78
C LYS A 28 5.47 -9.14 17.29
N LYS A 29 4.92 -9.94 16.38
CA LYS A 29 4.42 -11.26 16.74
C LYS A 29 5.58 -12.26 16.89
N LYS A 30 6.64 -12.05 16.11
CA LYS A 30 7.81 -12.91 16.16
C LYS A 30 8.75 -12.48 17.28
#